data_1MGP
#
_entry.id   1MGP
#
_cell.length_a   115.010
_cell.length_b   115.010
_cell.length_c   91.260
_cell.angle_alpha   90.00
_cell.angle_beta   90.00
_cell.angle_gamma   120.00
#
_symmetry.space_group_name_H-M   'P 61 2 2'
#
loop_
_entity.id
_entity.type
_entity.pdbx_description
1 polymer 'Hypothetical protein TM841'
2 non-polymer 'PALMITIC ACID'
3 water water
#
_entity_poly.entity_id   1
_entity_poly.type   'polypeptide(L)'
_entity_poly.pdbx_seq_one_letter_code
;(MSE)GSSHHHHHHDYDIPTTENLYFQGH(MSE)KVKILVDSTADVPFSW(MSE)EKYDIDSIPLYVVWEDGRSEPDERE
PEEI(MSE)NFYKRIREAGSVPKTSQPSVEDFKKRYLKYKEEDYDVVLVLTLSSKLSGTYNSAVLASKEVDIPVYVVDTL
LASGAIPLPARVARE(MSE)LENGATIEEVLKKLDER(MSE)KNKDFKAIFYVSNFDYLVKGGRVSKFQGFVGNLLKIRV
CLHIENGELIPYRKVRGDKKAIEALIEKLREDTPEGSKLRVIGVHADNEAGVVELLNTLRKSYEVVDEIISP(MSE)GKV
ITTHVGPGTVGFGIEVLERKR
;
_entity_poly.pdbx_strand_id   A
#
loop_
_chem_comp.id
_chem_comp.type
_chem_comp.name
_chem_comp.formula
PLM non-polymer 'PALMITIC ACID' 'C16 H32 O2'
#
# COMPACT_ATOMS: atom_id res chain seq x y z
N HIS A 25 6.42 9.70 -26.41
CA HIS A 25 6.77 9.96 -24.99
C HIS A 25 8.00 9.17 -24.58
N MSE A 26 8.52 9.45 -23.39
CA MSE A 26 9.69 8.75 -22.89
C MSE A 26 9.26 7.46 -22.19
O MSE A 26 8.09 7.28 -21.87
CB MSE A 26 10.46 9.63 -21.90
CG MSE A 26 11.02 10.92 -22.51
SE MSE A 26 12.08 11.90 -21.22
CE MSE A 26 10.65 12.58 -20.11
N LYS A 27 10.22 6.57 -21.97
CA LYS A 27 9.95 5.31 -21.28
C LYS A 27 10.09 5.55 -19.78
N VAL A 28 8.98 5.42 -19.06
CA VAL A 28 9.00 5.64 -17.62
C VAL A 28 8.71 4.36 -16.83
N LYS A 29 9.63 4.00 -15.93
CA LYS A 29 9.43 2.82 -15.09
C LYS A 29 8.79 3.32 -13.80
N ILE A 30 7.81 2.59 -13.30
CA ILE A 30 7.18 2.96 -12.04
C ILE A 30 7.60 1.94 -10.98
N LEU A 31 8.02 2.44 -9.82
CA LEU A 31 8.45 1.58 -8.73
C LEU A 31 7.75 1.97 -7.43
N VAL A 32 7.18 0.98 -6.75
CA VAL A 32 6.53 1.20 -5.46
C VAL A 32 7.31 0.29 -4.54
N ASP A 33 7.12 0.42 -3.23
CA ASP A 33 7.85 -0.46 -2.33
C ASP A 33 6.90 -1.59 -1.93
N SER A 34 7.43 -2.63 -1.32
CA SER A 34 6.61 -3.79 -0.95
C SER A 34 5.45 -3.51 -0.01
N THR A 35 5.47 -2.37 0.69
CA THR A 35 4.36 -2.04 1.60
C THR A 35 3.17 -1.53 0.81
N ALA A 36 3.32 -1.39 -0.50
CA ALA A 36 2.22 -0.93 -1.35
C ALA A 36 1.27 -2.09 -1.66
N ASP A 37 1.69 -3.31 -1.32
CA ASP A 37 0.88 -4.50 -1.56
C ASP A 37 0.24 -4.48 -2.96
N VAL A 38 1.06 -4.23 -3.96
CA VAL A 38 0.58 -4.15 -5.34
C VAL A 38 -0.02 -5.47 -5.83
N PRO A 39 -1.18 -5.41 -6.52
CA PRO A 39 -1.79 -6.64 -7.02
C PRO A 39 -0.77 -7.31 -7.94
N PHE A 40 -0.63 -8.63 -7.83
CA PHE A 40 0.35 -9.35 -8.64
C PHE A 40 0.26 -9.07 -10.14
N SER A 41 -0.95 -9.08 -10.68
CA SER A 41 -1.13 -8.86 -12.12
C SER A 41 -0.77 -7.46 -12.60
N TRP A 42 -0.74 -6.49 -11.68
CA TRP A 42 -0.43 -5.11 -12.05
C TRP A 42 1.03 -4.86 -12.43
N MSE A 43 1.93 -5.74 -11.99
CA MSE A 43 3.34 -5.60 -12.32
C MSE A 43 3.51 -5.57 -13.82
O MSE A 43 4.18 -4.69 -14.37
CB MSE A 43 4.15 -6.75 -11.72
CG MSE A 43 5.64 -6.71 -12.06
SE MSE A 43 6.68 -8.08 -11.17
CE MSE A 43 6.48 -7.45 -9.35
N GLU A 44 2.90 -6.53 -14.51
CA GLU A 44 2.99 -6.61 -15.96
C GLU A 44 2.02 -5.66 -16.66
N LYS A 45 0.78 -5.60 -16.14
CA LYS A 45 -0.24 -4.75 -16.72
C LYS A 45 0.10 -3.26 -16.76
N TYR A 46 0.73 -2.74 -15.71
CA TYR A 46 1.08 -1.32 -15.67
C TYR A 46 2.57 -1.07 -15.56
N ASP A 47 3.36 -2.12 -15.75
CA ASP A 47 4.82 -2.01 -15.65
C ASP A 47 5.19 -1.32 -14.34
N ILE A 48 4.74 -1.92 -13.24
CA ILE A 48 5.01 -1.41 -11.90
C ILE A 48 5.87 -2.44 -11.17
N ASP A 49 7.08 -2.05 -10.80
CA ASP A 49 7.98 -2.96 -10.09
C ASP A 49 7.81 -2.71 -8.59
N SER A 50 8.23 -3.67 -7.77
CA SER A 50 8.10 -3.55 -6.32
C SER A 50 9.44 -3.83 -5.65
N ILE A 51 9.91 -2.88 -4.82
CA ILE A 51 11.18 -3.07 -4.11
C ILE A 51 10.90 -3.56 -2.70
N PRO A 52 11.46 -4.72 -2.34
CA PRO A 52 11.27 -5.31 -1.01
C PRO A 52 11.84 -4.56 0.16
N LEU A 53 11.04 -4.48 1.23
CA LEU A 53 11.50 -3.92 2.48
C LEU A 53 11.82 -5.24 3.17
N TYR A 54 12.29 -5.21 4.42
CA TYR A 54 12.64 -6.46 5.09
C TYR A 54 11.91 -6.70 6.39
N VAL A 55 11.84 -7.98 6.75
CA VAL A 55 11.26 -8.40 8.01
C VAL A 55 12.44 -9.08 8.71
N VAL A 56 12.78 -8.61 9.90
CA VAL A 56 13.89 -9.21 10.64
C VAL A 56 13.38 -9.77 11.95
N TRP A 57 13.55 -11.08 12.12
CA TRP A 57 13.10 -11.77 13.32
C TRP A 57 14.06 -11.50 14.48
N GLU A 58 13.62 -11.73 15.71
CA GLU A 58 14.49 -11.46 16.84
C GLU A 58 15.75 -12.32 16.88
N ASP A 59 15.70 -13.48 16.22
CA ASP A 59 16.86 -14.37 16.19
C ASP A 59 17.87 -13.91 15.15
N GLY A 60 17.58 -12.77 14.52
CA GLY A 60 18.49 -12.22 13.52
C GLY A 60 18.19 -12.56 12.08
N ARG A 61 17.34 -13.57 11.85
CA ARG A 61 16.99 -13.95 10.49
C ARG A 61 16.31 -12.80 9.77
N SER A 62 16.73 -12.55 8.53
CA SER A 62 16.18 -11.47 7.73
C SER A 62 15.60 -12.01 6.42
N GLU A 63 14.44 -11.49 6.03
CA GLU A 63 13.83 -11.95 4.79
C GLU A 63 13.17 -10.81 4.03
N PRO A 64 13.36 -10.79 2.70
CA PRO A 64 12.79 -9.76 1.84
C PRO A 64 11.28 -9.97 1.66
N ASP A 65 10.57 -8.86 1.55
CA ASP A 65 9.12 -8.87 1.34
C ASP A 65 8.90 -8.80 -0.18
N GLU A 66 8.94 -9.96 -0.83
CA GLU A 66 8.74 -10.04 -2.28
C GLU A 66 7.27 -10.28 -2.61
N ARG A 67 6.80 -9.70 -3.71
CA ARG A 67 5.41 -9.89 -4.12
C ARG A 67 5.25 -11.21 -4.86
N GLU A 68 5.24 -12.30 -4.10
CA GLU A 68 5.08 -13.66 -4.64
C GLU A 68 3.93 -14.26 -3.83
N PRO A 69 2.88 -14.75 -4.51
CA PRO A 69 1.72 -15.35 -3.85
C PRO A 69 2.06 -16.41 -2.81
N GLU A 70 2.76 -17.46 -3.26
CA GLU A 70 3.11 -18.56 -2.37
C GLU A 70 4.00 -18.14 -1.21
N GLU A 71 4.92 -17.22 -1.45
CA GLU A 71 5.82 -16.75 -0.39
C GLU A 71 5.07 -15.99 0.68
N ILE A 72 4.14 -15.14 0.26
CA ILE A 72 3.36 -14.37 1.22
C ILE A 72 2.50 -15.34 2.03
N MSE A 73 1.91 -16.32 1.34
CA MSE A 73 1.09 -17.31 2.03
C MSE A 73 1.92 -18.09 3.05
O MSE A 73 1.42 -18.42 4.13
CB MSE A 73 0.45 -18.28 1.02
CG MSE A 73 -0.70 -17.68 0.23
SE MSE A 73 -1.62 -19.02 -0.84
CE MSE A 73 -1.92 -20.33 0.54
N ASN A 74 3.16 -18.40 2.70
CA ASN A 74 4.06 -19.12 3.60
C ASN A 74 4.37 -18.24 4.81
N PHE A 75 4.52 -16.94 4.57
CA PHE A 75 4.80 -16.01 5.65
C PHE A 75 3.61 -15.90 6.61
N TYR A 76 2.39 -15.96 6.08
CA TYR A 76 1.21 -15.87 6.93
C TYR A 76 1.23 -16.98 8.00
N LYS A 77 1.54 -18.19 7.57
CA LYS A 77 1.58 -19.32 8.50
C LYS A 77 2.67 -19.10 9.54
N ARG A 78 3.85 -18.68 9.09
CA ARG A 78 4.95 -18.46 10.01
C ARG A 78 4.77 -17.33 11.02
N ILE A 79 4.17 -16.20 10.62
CA ILE A 79 3.99 -15.13 11.59
C ILE A 79 2.88 -15.50 12.57
N ARG A 80 1.87 -16.24 12.09
CA ARG A 80 0.78 -16.68 12.97
C ARG A 80 1.30 -17.62 14.04
N GLU A 81 2.22 -18.52 13.67
CA GLU A 81 2.77 -19.50 14.61
C GLU A 81 3.97 -19.06 15.43
N ALA A 82 4.65 -18.00 15.00
CA ALA A 82 5.84 -17.50 15.68
C ALA A 82 5.64 -17.14 17.16
N GLY A 83 6.71 -17.30 17.94
CA GLY A 83 6.66 -16.98 19.35
C GLY A 83 6.84 -15.49 19.62
N SER A 84 7.17 -14.75 18.57
CA SER A 84 7.35 -13.30 18.70
C SER A 84 6.96 -12.61 17.39
N VAL A 85 6.84 -11.29 17.45
CA VAL A 85 6.50 -10.51 16.27
C VAL A 85 7.78 -9.86 15.77
N PRO A 86 8.16 -10.12 14.52
CA PRO A 86 9.39 -9.55 13.97
C PRO A 86 9.33 -8.04 13.78
N LYS A 87 10.48 -7.45 13.43
CA LYS A 87 10.56 -6.01 13.18
C LYS A 87 10.70 -5.86 11.67
N THR A 88 10.58 -4.63 11.17
CA THR A 88 10.70 -4.39 9.74
C THR A 88 11.72 -3.30 9.48
N SER A 89 12.19 -3.21 8.24
CA SER A 89 13.14 -2.17 7.89
C SER A 89 13.01 -1.77 6.43
N GLN A 90 13.29 -0.50 6.18
CA GLN A 90 13.24 0.09 4.84
C GLN A 90 14.29 -0.55 3.95
N PRO A 91 14.20 -0.32 2.62
CA PRO A 91 15.21 -0.92 1.74
C PRO A 91 16.46 -0.08 1.96
N SER A 92 17.63 -0.63 1.64
CA SER A 92 18.86 0.13 1.81
C SER A 92 18.99 1.06 0.62
N VAL A 93 19.88 2.04 0.73
CA VAL A 93 20.13 2.98 -0.36
C VAL A 93 20.66 2.16 -1.52
N GLU A 94 21.53 1.21 -1.20
CA GLU A 94 22.13 0.33 -2.20
C GLU A 94 21.03 -0.42 -2.97
N ASP A 95 20.01 -0.89 -2.26
CA ASP A 95 18.90 -1.60 -2.92
C ASP A 95 18.24 -0.70 -3.96
N PHE A 96 18.00 0.55 -3.60
CA PHE A 96 17.37 1.49 -4.52
C PHE A 96 18.28 1.76 -5.71
N LYS A 97 19.56 2.05 -5.44
CA LYS A 97 20.50 2.33 -6.52
C LYS A 97 20.53 1.18 -7.52
N LYS A 98 20.58 -0.04 -7.02
CA LYS A 98 20.61 -1.24 -7.87
C LYS A 98 19.43 -1.21 -8.85
N ARG A 99 18.24 -0.95 -8.33
CA ARG A 99 17.03 -0.89 -9.16
C ARG A 99 17.14 0.21 -10.22
N TYR A 100 17.53 1.40 -9.80
CA TYR A 100 17.65 2.53 -10.71
C TYR A 100 18.62 2.25 -11.88
N LEU A 101 19.74 1.58 -11.57
CA LEU A 101 20.71 1.25 -12.61
C LEU A 101 20.16 0.19 -13.54
N LYS A 102 19.44 -0.77 -12.97
CA LYS A 102 18.82 -1.83 -13.75
C LYS A 102 17.85 -1.23 -14.77
N TYR A 103 17.03 -0.27 -14.34
CA TYR A 103 16.08 0.34 -15.27
C TYR A 103 16.81 1.12 -16.36
N LYS A 104 17.90 1.77 -16.00
CA LYS A 104 18.66 2.53 -16.99
C LYS A 104 19.15 1.56 -18.06
N GLU A 105 19.68 0.42 -17.63
CA GLU A 105 20.17 -0.61 -18.54
C GLU A 105 19.03 -1.25 -19.35
N GLU A 106 17.79 -1.07 -18.90
CA GLU A 106 16.65 -1.62 -19.62
C GLU A 106 16.09 -0.55 -20.55
N ASP A 107 16.88 0.51 -20.72
CA ASP A 107 16.55 1.63 -21.59
C ASP A 107 15.42 2.57 -21.17
N TYR A 108 15.11 2.59 -19.88
CA TYR A 108 14.07 3.50 -19.40
C TYR A 108 14.72 4.89 -19.36
N ASP A 109 13.93 5.92 -19.60
CA ASP A 109 14.43 7.29 -19.58
C ASP A 109 14.27 7.92 -18.20
N VAL A 110 13.20 7.53 -17.51
CA VAL A 110 12.92 8.06 -16.19
C VAL A 110 12.34 6.98 -15.29
N VAL A 111 12.47 7.18 -13.98
CA VAL A 111 11.94 6.25 -13.00
C VAL A 111 11.05 7.05 -12.08
N LEU A 112 9.79 6.62 -11.92
CA LEU A 112 8.85 7.29 -11.04
C LEU A 112 8.63 6.36 -9.84
N VAL A 113 9.10 6.80 -8.68
CA VAL A 113 8.98 6.01 -7.46
C VAL A 113 7.92 6.56 -6.50
N LEU A 114 7.01 5.71 -6.06
CA LEU A 114 5.97 6.10 -5.10
C LEU A 114 6.19 5.27 -3.84
N THR A 115 6.54 5.93 -2.74
CA THR A 115 6.79 5.22 -1.49
C THR A 115 5.70 5.43 -0.47
N LEU A 116 5.65 4.57 0.55
CA LEU A 116 4.67 4.71 1.60
C LEU A 116 5.03 5.95 2.41
N SER A 117 4.08 6.42 3.19
CA SER A 117 4.24 7.61 4.03
C SER A 117 5.61 7.79 4.68
N SER A 118 6.17 8.99 4.52
CA SER A 118 7.47 9.31 5.11
C SER A 118 7.34 9.37 6.63
N LYS A 119 6.11 9.45 7.12
CA LYS A 119 5.86 9.50 8.55
C LYS A 119 5.81 8.10 9.16
N LEU A 120 5.78 7.09 8.30
CA LEU A 120 5.70 5.70 8.76
C LEU A 120 6.99 4.93 8.53
N SER A 121 7.85 5.45 7.66
CA SER A 121 9.08 4.74 7.33
C SER A 121 10.13 5.66 6.74
N GLY A 122 11.38 5.22 6.79
CA GLY A 122 12.46 6.01 6.23
C GLY A 122 12.65 5.65 4.77
N THR A 123 11.73 4.85 4.22
CA THR A 123 11.82 4.44 2.82
C THR A 123 11.88 5.62 1.85
N TYR A 124 11.03 6.63 2.05
CA TYR A 124 11.03 7.79 1.17
C TYR A 124 12.41 8.45 1.13
N ASN A 125 12.96 8.77 2.31
CA ASN A 125 14.27 9.40 2.36
C ASN A 125 15.35 8.54 1.72
N SER A 126 15.23 7.22 1.86
CA SER A 126 16.20 6.31 1.29
C SER A 126 16.14 6.35 -0.25
N ALA A 127 14.93 6.40 -0.78
CA ALA A 127 14.73 6.45 -2.23
C ALA A 127 15.25 7.76 -2.80
N VAL A 128 15.05 8.84 -2.06
CA VAL A 128 15.51 10.17 -2.48
C VAL A 128 17.03 10.23 -2.51
N LEU A 129 17.66 9.75 -1.45
CA LEU A 129 19.12 9.75 -1.34
C LEU A 129 19.74 8.95 -2.49
N ALA A 130 19.20 7.75 -2.73
CA ALA A 130 19.70 6.91 -3.80
C ALA A 130 19.54 7.58 -5.17
N SER A 131 18.43 8.31 -5.35
CA SER A 131 18.17 8.97 -6.63
C SER A 131 19.22 10.02 -6.98
N LYS A 132 19.92 10.53 -5.98
CA LYS A 132 20.94 11.55 -6.18
C LYS A 132 22.26 11.03 -6.74
N GLU A 133 22.52 9.75 -6.51
CA GLU A 133 23.78 9.14 -6.93
C GLU A 133 23.76 8.39 -8.26
N VAL A 134 22.59 8.27 -8.88
CA VAL A 134 22.48 7.53 -10.13
C VAL A 134 22.28 8.43 -11.35
N ASP A 135 22.63 7.93 -12.53
CA ASP A 135 22.48 8.71 -13.76
C ASP A 135 21.04 8.98 -14.19
N ILE A 136 20.21 7.94 -14.17
CA ILE A 136 18.84 8.10 -14.62
C ILE A 136 18.00 9.04 -13.74
N PRO A 137 17.16 9.87 -14.37
CA PRO A 137 16.32 10.80 -13.60
C PRO A 137 15.34 9.96 -12.76
N VAL A 138 15.25 10.29 -11.48
CA VAL A 138 14.35 9.58 -10.58
C VAL A 138 13.49 10.57 -9.81
N TYR A 139 12.17 10.40 -9.91
CA TYR A 139 11.24 11.27 -9.18
C TYR A 139 10.60 10.42 -8.10
N VAL A 140 10.71 10.87 -6.85
CA VAL A 140 10.15 10.14 -5.73
C VAL A 140 8.96 10.88 -5.13
N VAL A 141 7.84 10.19 -5.02
CA VAL A 141 6.63 10.75 -4.49
C VAL A 141 6.31 10.16 -3.12
N ASP A 142 6.16 11.02 -2.13
CA ASP A 142 5.81 10.59 -0.78
C ASP A 142 4.28 10.51 -0.83
N THR A 143 3.75 9.31 -1.00
CA THR A 143 2.31 9.15 -1.10
C THR A 143 1.55 9.47 0.17
N LEU A 144 2.25 9.44 1.30
CA LEU A 144 1.63 9.68 2.61
C LEU A 144 0.55 8.63 2.83
N LEU A 145 0.72 7.47 2.21
CA LEU A 145 -0.22 6.37 2.32
C LEU A 145 0.52 5.07 2.58
N ALA A 146 -0.22 3.97 2.59
CA ALA A 146 0.38 2.65 2.83
C ALA A 146 -0.54 1.54 2.29
N SER A 147 0.03 0.35 2.11
CA SER A 147 -0.72 -0.79 1.60
C SER A 147 -1.44 -0.49 0.29
N GLY A 148 -2.56 -1.17 0.08
CA GLY A 148 -3.37 -1.04 -1.13
C GLY A 148 -3.76 0.32 -1.66
N ALA A 149 -3.55 1.38 -0.89
CA ALA A 149 -3.89 2.72 -1.38
C ALA A 149 -2.81 3.23 -2.33
N ILE A 150 -1.57 2.78 -2.11
CA ILE A 150 -0.46 3.24 -2.93
C ILE A 150 -0.50 2.89 -4.42
N PRO A 151 -0.92 1.65 -4.77
CA PRO A 151 -0.97 1.31 -6.19
C PRO A 151 -1.96 2.14 -7.00
N LEU A 152 -2.91 2.78 -6.31
CA LEU A 152 -3.93 3.60 -6.98
C LEU A 152 -3.31 4.78 -7.72
N PRO A 153 -2.54 5.64 -7.04
CA PRO A 153 -1.95 6.76 -7.78
C PRO A 153 -0.90 6.26 -8.78
N ALA A 154 -0.34 5.07 -8.52
CA ALA A 154 0.66 4.50 -9.42
C ALA A 154 0.01 4.15 -10.76
N ARG A 155 -1.19 3.56 -10.70
CA ARG A 155 -1.91 3.21 -11.92
C ARG A 155 -2.37 4.47 -12.65
N VAL A 156 -2.82 5.46 -11.89
CA VAL A 156 -3.28 6.72 -12.47
C VAL A 156 -2.11 7.37 -13.21
N ALA A 157 -0.91 7.21 -12.65
CA ALA A 157 0.28 7.77 -13.27
C ALA A 157 0.55 7.08 -14.60
N ARG A 158 0.42 5.76 -14.64
CA ARG A 158 0.65 5.00 -15.87
C ARG A 158 -0.38 5.36 -16.93
N GLU A 159 -1.65 5.47 -16.53
CA GLU A 159 -2.71 5.80 -17.46
C GLU A 159 -2.44 7.18 -18.08
N MSE A 160 -2.03 8.12 -17.25
CA MSE A 160 -1.73 9.47 -17.73
C MSE A 160 -0.51 9.48 -18.65
O MSE A 160 -0.51 10.16 -19.68
CB MSE A 160 -1.51 10.43 -16.56
CG MSE A 160 -2.79 10.84 -15.88
SE MSE A 160 -2.51 12.13 -14.49
CE MSE A 160 -1.71 13.55 -15.51
N LEU A 161 0.52 8.74 -18.28
CA LEU A 161 1.74 8.66 -19.09
C LEU A 161 1.42 8.08 -20.47
N GLU A 162 0.63 7.01 -20.47
CA GLU A 162 0.24 6.35 -21.69
C GLU A 162 -0.52 7.26 -22.63
N ASN A 163 -1.24 8.23 -22.09
CA ASN A 163 -1.99 9.16 -22.91
C ASN A 163 -1.14 10.37 -23.28
N GLY A 164 0.17 10.22 -23.13
CA GLY A 164 1.09 11.30 -23.49
C GLY A 164 1.41 12.37 -22.46
N ALA A 165 1.02 12.17 -21.21
CA ALA A 165 1.30 13.16 -20.18
C ALA A 165 2.78 13.15 -19.78
N THR A 166 3.31 14.31 -19.44
CA THR A 166 4.70 14.42 -19.03
C THR A 166 4.81 14.18 -17.52
N ILE A 167 6.00 13.87 -17.03
CA ILE A 167 6.21 13.64 -15.61
C ILE A 167 5.71 14.83 -14.79
N GLU A 168 6.06 16.03 -15.24
CA GLU A 168 5.68 17.25 -14.55
C GLU A 168 4.16 17.37 -14.40
N GLU A 169 3.45 17.00 -15.47
CA GLU A 169 1.99 17.06 -15.46
C GLU A 169 1.41 15.98 -14.55
N VAL A 170 2.01 14.80 -14.59
CA VAL A 170 1.56 13.70 -13.74
C VAL A 170 1.72 14.09 -12.28
N LEU A 171 2.89 14.56 -11.91
CA LEU A 171 3.15 14.97 -10.53
C LEU A 171 2.20 16.09 -10.10
N LYS A 172 1.82 16.93 -11.06
CA LYS A 172 0.91 18.04 -10.80
C LYS A 172 -0.48 17.52 -10.44
N LYS A 173 -1.02 16.67 -11.30
CA LYS A 173 -2.35 16.10 -11.09
C LYS A 173 -2.44 15.28 -9.81
N LEU A 174 -1.42 14.45 -9.56
CA LEU A 174 -1.41 13.61 -8.37
C LEU A 174 -1.48 14.51 -7.14
N ASP A 175 -0.83 15.66 -7.23
CA ASP A 175 -0.81 16.62 -6.12
C ASP A 175 -2.21 17.13 -5.86
N GLU A 176 -2.96 17.38 -6.94
CA GLU A 176 -4.34 17.85 -6.83
C GLU A 176 -5.22 16.74 -6.23
N ARG A 177 -5.09 15.53 -6.78
CA ARG A 177 -5.86 14.39 -6.29
C ARG A 177 -5.64 14.25 -4.79
N MSE A 178 -4.38 14.42 -4.37
CA MSE A 178 -4.03 14.31 -2.95
C MSE A 178 -4.72 15.41 -2.15
O MSE A 178 -5.24 15.16 -1.06
CB MSE A 178 -2.51 14.43 -2.77
CG MSE A 178 -2.07 14.44 -1.29
SE MSE A 178 -0.16 14.67 -1.04
CE MSE A 178 -0.04 16.58 -1.34
N LYS A 179 -4.74 16.62 -2.70
CA LYS A 179 -5.38 17.75 -2.02
C LYS A 179 -6.86 17.47 -1.79
N ASN A 180 -7.48 16.81 -2.76
CA ASN A 180 -8.91 16.49 -2.66
C ASN A 180 -9.17 15.16 -1.96
N LYS A 181 -8.13 14.59 -1.38
CA LYS A 181 -8.23 13.31 -0.67
C LYS A 181 -8.88 12.22 -1.53
N ASP A 182 -8.49 12.16 -2.81
CA ASP A 182 -9.03 11.18 -3.73
C ASP A 182 -8.54 9.75 -3.53
N PHE A 183 -7.43 9.61 -2.83
CA PHE A 183 -6.88 8.28 -2.56
C PHE A 183 -6.94 8.05 -1.06
N LYS A 184 -7.67 7.01 -0.64
CA LYS A 184 -7.84 6.72 0.77
C LYS A 184 -7.40 5.32 1.19
N ALA A 185 -7.00 5.20 2.45
CA ALA A 185 -6.58 3.92 3.04
C ALA A 185 -7.38 3.76 4.34
N ILE A 186 -8.36 2.86 4.31
CA ILE A 186 -9.22 2.62 5.47
C ILE A 186 -9.23 1.12 5.77
N PHE A 187 -9.04 0.75 7.04
CA PHE A 187 -8.99 -0.66 7.41
C PHE A 187 -9.24 -0.89 8.89
N TYR A 188 -9.36 -2.17 9.26
CA TYR A 188 -9.53 -2.54 10.66
C TYR A 188 -8.67 -3.76 10.96
N VAL A 189 -8.22 -3.86 12.20
CA VAL A 189 -7.38 -4.98 12.61
C VAL A 189 -8.11 -5.81 13.65
N SER A 190 -7.68 -7.05 13.82
CA SER A 190 -8.29 -7.99 14.78
C SER A 190 -7.56 -7.94 16.12
N ASN A 191 -6.26 -7.70 16.08
CA ASN A 191 -5.46 -7.64 17.29
C ASN A 191 -4.56 -6.41 17.28
N PHE A 192 -5.04 -5.35 17.92
CA PHE A 192 -4.32 -4.09 18.00
C PHE A 192 -2.89 -4.16 18.53
N ASP A 193 -2.56 -5.23 19.25
CA ASP A 193 -1.21 -5.34 19.81
C ASP A 193 -0.10 -5.35 18.76
N TYR A 194 -0.42 -5.81 17.55
CA TYR A 194 0.58 -5.82 16.49
C TYR A 194 0.99 -4.38 16.15
N LEU A 195 0.00 -3.53 15.89
CA LEU A 195 0.30 -2.14 15.55
C LEU A 195 1.06 -1.44 16.66
N VAL A 196 0.69 -1.73 17.90
CA VAL A 196 1.36 -1.12 19.04
C VAL A 196 2.82 -1.57 19.06
N LYS A 197 3.03 -2.87 18.90
CA LYS A 197 4.38 -3.42 18.88
C LYS A 197 5.20 -2.76 17.75
N GLY A 198 4.54 -2.52 16.62
CA GLY A 198 5.20 -1.91 15.48
C GLY A 198 5.68 -0.49 15.64
N GLY A 199 5.05 0.26 16.55
CA GLY A 199 5.46 1.64 16.79
C GLY A 199 4.79 2.74 16.00
N ARG A 200 4.01 2.40 14.98
CA ARG A 200 3.34 3.42 14.18
C ARG A 200 1.98 3.86 14.71
N VAL A 201 1.57 3.30 15.85
CA VAL A 201 0.28 3.62 16.47
C VAL A 201 0.02 2.71 17.66
N LEU A 211 -10.09 -6.59 23.88
CA LEU A 211 -11.09 -7.54 24.35
C LEU A 211 -11.61 -8.48 23.27
N LEU A 212 -12.40 -9.46 23.73
CA LEU A 212 -12.95 -10.46 22.84
C LEU A 212 -13.81 -9.94 21.69
N LYS A 213 -13.40 -10.32 20.48
CA LYS A 213 -14.06 -9.95 19.22
C LYS A 213 -14.00 -8.47 18.87
N ILE A 214 -13.17 -7.71 19.60
CA ILE A 214 -13.06 -6.28 19.33
C ILE A 214 -12.28 -6.04 18.03
N ARG A 215 -12.68 -5.02 17.29
CA ARG A 215 -12.01 -4.67 16.05
C ARG A 215 -11.76 -3.16 16.05
N VAL A 216 -10.50 -2.78 15.82
CA VAL A 216 -10.13 -1.37 15.79
C VAL A 216 -10.07 -0.89 14.34
N CYS A 217 -10.82 0.16 14.05
CA CYS A 217 -10.87 0.73 12.71
C CYS A 217 -9.96 1.93 12.61
N LEU A 218 -9.17 1.99 11.53
CA LEU A 218 -8.25 3.10 11.34
C LEU A 218 -8.29 3.62 9.92
N HIS A 219 -7.71 4.78 9.71
CA HIS A 219 -7.60 5.35 8.38
C HIS A 219 -6.33 6.19 8.39
N ILE A 220 -5.76 6.43 7.22
CA ILE A 220 -4.55 7.22 7.16
C ILE A 220 -4.90 8.66 6.85
N GLU A 221 -4.45 9.56 7.70
CA GLU A 221 -4.72 10.98 7.52
C GLU A 221 -3.42 11.74 7.63
N ASN A 222 -3.09 12.49 6.58
CA ASN A 222 -1.86 13.26 6.55
C ASN A 222 -0.67 12.33 6.81
N GLY A 223 -0.72 11.13 6.22
CA GLY A 223 0.37 10.18 6.36
C GLY A 223 0.51 9.44 7.68
N GLU A 224 -0.44 9.62 8.61
CA GLU A 224 -0.36 8.95 9.91
C GLU A 224 -1.54 8.00 10.13
N LEU A 225 -1.32 6.95 10.91
CA LEU A 225 -2.35 5.98 11.21
C LEU A 225 -3.27 6.52 12.30
N ILE A 226 -4.54 6.71 11.97
CA ILE A 226 -5.49 7.24 12.93
C ILE A 226 -6.60 6.29 13.36
N PRO A 227 -6.52 5.77 14.58
CA PRO A 227 -7.57 4.86 15.06
C PRO A 227 -8.80 5.74 15.28
N TYR A 228 -9.94 5.41 14.70
CA TYR A 228 -11.10 6.25 14.90
C TYR A 228 -12.29 5.53 15.51
N ARG A 229 -12.19 4.21 15.69
CA ARG A 229 -13.33 3.50 16.26
C ARG A 229 -13.04 2.06 16.64
N LYS A 230 -13.74 1.58 17.66
CA LYS A 230 -13.61 0.22 18.15
C LYS A 230 -15.01 -0.39 18.12
N VAL A 231 -15.14 -1.56 17.48
CA VAL A 231 -16.43 -2.22 17.38
C VAL A 231 -16.28 -3.73 17.62
N ARG A 232 -17.39 -4.43 17.76
CA ARG A 232 -17.39 -5.87 18.00
C ARG A 232 -17.80 -6.61 16.74
N GLY A 233 -16.94 -7.49 16.23
CA GLY A 233 -17.29 -8.25 15.05
C GLY A 233 -16.92 -7.59 13.73
N ASP A 234 -16.70 -8.40 12.70
CA ASP A 234 -16.32 -7.91 11.38
C ASP A 234 -17.44 -7.15 10.65
N LYS A 235 -18.67 -7.58 10.84
CA LYS A 235 -19.79 -6.90 10.16
C LYS A 235 -19.83 -5.42 10.53
N LYS A 236 -19.67 -5.12 11.82
CA LYS A 236 -19.69 -3.73 12.29
C LYS A 236 -18.43 -3.00 11.83
N ALA A 237 -17.32 -3.72 11.78
CA ALA A 237 -16.05 -3.15 11.36
C ALA A 237 -16.18 -2.76 9.90
N ILE A 238 -16.72 -3.66 9.10
CA ILE A 238 -16.92 -3.40 7.68
C ILE A 238 -17.79 -2.17 7.51
N GLU A 239 -18.89 -2.10 8.27
CA GLU A 239 -19.80 -0.96 8.19
C GLU A 239 -19.11 0.34 8.61
N ALA A 240 -18.25 0.26 9.62
CA ALA A 240 -17.53 1.44 10.08
C ALA A 240 -16.52 1.93 9.02
N LEU A 241 -15.94 1.01 8.25
CA LEU A 241 -14.98 1.42 7.22
C LEU A 241 -15.71 2.23 6.15
N ILE A 242 -16.87 1.73 5.75
CA ILE A 242 -17.67 2.41 4.74
C ILE A 242 -18.27 3.70 5.27
N GLU A 243 -18.57 3.74 6.57
CA GLU A 243 -19.13 4.94 7.18
C GLU A 243 -18.07 6.05 7.09
N LYS A 244 -16.83 5.69 7.38
CA LYS A 244 -15.72 6.63 7.35
C LYS A 244 -15.56 7.19 5.94
N LEU A 245 -15.67 6.34 4.94
CA LEU A 245 -15.56 6.76 3.54
C LEU A 245 -16.66 7.75 3.22
N ARG A 246 -17.86 7.44 3.71
CA ARG A 246 -19.06 8.25 3.47
C ARG A 246 -18.98 9.69 4.00
N GLU A 247 -18.10 9.93 4.96
CA GLU A 247 -17.97 11.27 5.54
C GLU A 247 -17.62 12.37 4.54
N ASP A 248 -16.94 12.02 3.45
CA ASP A 248 -16.58 13.04 2.47
C ASP A 248 -16.86 12.54 1.06
N THR A 249 -17.34 11.32 0.95
CA THR A 249 -17.64 10.73 -0.35
C THR A 249 -19.05 10.17 -0.33
N PRO A 250 -20.02 10.94 -0.87
CA PRO A 250 -21.44 10.58 -0.95
C PRO A 250 -21.68 9.21 -1.57
N GLU A 251 -22.68 8.50 -1.06
CA GLU A 251 -23.01 7.19 -1.61
C GLU A 251 -23.38 7.45 -3.07
N GLY A 252 -23.09 6.49 -3.93
CA GLY A 252 -23.38 6.66 -5.33
C GLY A 252 -22.18 7.18 -6.10
N SER A 253 -21.15 7.62 -5.37
CA SER A 253 -19.94 8.13 -6.00
C SER A 253 -19.25 7.00 -6.78
N LYS A 254 -18.48 7.37 -7.79
CA LYS A 254 -17.77 6.39 -8.61
C LYS A 254 -16.37 6.12 -8.05
N LEU A 255 -16.05 4.84 -7.88
CA LEU A 255 -14.76 4.46 -7.30
C LEU A 255 -14.04 3.33 -8.02
N ARG A 256 -12.77 3.17 -7.63
CA ARG A 256 -11.91 2.10 -8.10
C ARG A 256 -11.35 1.63 -6.77
N VAL A 257 -11.32 0.33 -6.54
CA VAL A 257 -10.85 -0.15 -5.26
C VAL A 257 -9.89 -1.32 -5.30
N ILE A 258 -9.07 -1.39 -4.25
CA ILE A 258 -8.15 -2.49 -4.06
C ILE A 258 -8.44 -2.96 -2.65
N GLY A 259 -9.06 -4.13 -2.54
CA GLY A 259 -9.36 -4.68 -1.22
C GLY A 259 -8.11 -5.40 -0.76
N VAL A 260 -7.72 -5.17 0.49
CA VAL A 260 -6.53 -5.84 1.02
C VAL A 260 -6.89 -6.64 2.26
N HIS A 261 -6.09 -7.67 2.53
CA HIS A 261 -6.32 -8.53 3.68
C HIS A 261 -5.02 -9.19 4.09
N ALA A 262 -4.91 -9.52 5.38
CA ALA A 262 -3.74 -10.20 5.91
C ALA A 262 -4.22 -11.59 6.28
N ASP A 263 -4.22 -12.48 5.28
CA ASP A 263 -4.66 -13.86 5.45
C ASP A 263 -6.11 -13.95 5.90
N ASN A 264 -6.98 -13.20 5.22
CA ASN A 264 -8.41 -13.20 5.51
C ASN A 264 -9.13 -12.78 4.24
N GLU A 265 -9.04 -13.63 3.22
CA GLU A 265 -9.66 -13.33 1.94
C GLU A 265 -11.18 -13.21 2.01
N ALA A 266 -11.81 -14.12 2.74
CA ALA A 266 -13.26 -14.09 2.87
C ALA A 266 -13.70 -12.77 3.51
N GLY A 267 -12.88 -12.27 4.43
CA GLY A 267 -13.19 -11.02 5.10
C GLY A 267 -13.22 -9.83 4.16
N VAL A 268 -12.24 -9.73 3.26
CA VAL A 268 -12.20 -8.60 2.34
C VAL A 268 -13.25 -8.76 1.23
N VAL A 269 -13.58 -9.99 0.89
CA VAL A 269 -14.59 -10.24 -0.13
C VAL A 269 -15.91 -9.66 0.39
N GLU A 270 -16.18 -9.88 1.68
CA GLU A 270 -17.40 -9.39 2.31
C GLU A 270 -17.41 -7.86 2.30
N LEU A 271 -16.24 -7.27 2.56
CA LEU A 271 -16.09 -5.82 2.57
C LEU A 271 -16.45 -5.22 1.21
N LEU A 272 -15.90 -5.79 0.15
CA LEU A 272 -16.16 -5.29 -1.20
C LEU A 272 -17.60 -5.53 -1.64
N ASN A 273 -18.20 -6.62 -1.18
CA ASN A 273 -19.60 -6.92 -1.51
C ASN A 273 -20.50 -5.89 -0.86
N THR A 274 -20.14 -5.48 0.36
CA THR A 274 -20.92 -4.50 1.10
C THR A 274 -20.74 -3.12 0.47
N LEU A 275 -19.51 -2.82 0.05
CA LEU A 275 -19.21 -1.54 -0.57
C LEU A 275 -19.98 -1.33 -1.89
N ARG A 276 -20.07 -2.38 -2.70
CA ARG A 276 -20.76 -2.28 -3.98
C ARG A 276 -22.23 -1.88 -3.86
N LYS A 277 -22.83 -2.10 -2.69
CA LYS A 277 -24.23 -1.77 -2.50
C LYS A 277 -24.55 -0.29 -2.31
N SER A 278 -23.55 0.53 -2.01
CA SER A 278 -23.80 1.95 -1.82
C SER A 278 -22.92 2.86 -2.70
N TYR A 279 -22.11 2.25 -3.56
CA TYR A 279 -21.24 3.01 -4.44
C TYR A 279 -21.11 2.36 -5.80
N GLU A 280 -20.73 3.16 -6.79
CA GLU A 280 -20.54 2.67 -8.15
C GLU A 280 -19.07 2.30 -8.33
N VAL A 281 -18.73 1.04 -8.07
CA VAL A 281 -17.36 0.56 -8.19
C VAL A 281 -17.08 0.13 -9.63
N VAL A 282 -16.40 0.98 -10.38
CA VAL A 282 -16.10 0.68 -11.78
C VAL A 282 -14.93 -0.29 -11.94
N ASP A 283 -14.20 -0.53 -10.85
CA ASP A 283 -13.10 -1.47 -10.89
C ASP A 283 -12.66 -1.86 -9.50
N GLU A 284 -12.39 -3.15 -9.32
CA GLU A 284 -11.98 -3.66 -8.03
C GLU A 284 -11.11 -4.88 -8.22
N ILE A 285 -10.20 -5.08 -7.27
CA ILE A 285 -9.31 -6.21 -7.30
C ILE A 285 -8.86 -6.43 -5.85
N ILE A 286 -8.54 -7.67 -5.52
CA ILE A 286 -8.11 -8.01 -4.17
C ILE A 286 -6.62 -8.28 -4.19
N SER A 287 -5.94 -7.84 -3.13
CA SER A 287 -4.50 -8.04 -3.03
C SER A 287 -4.13 -8.39 -1.60
N PRO A 288 -3.33 -9.45 -1.41
CA PRO A 288 -2.95 -9.84 -0.05
C PRO A 288 -1.89 -8.86 0.49
N MSE A 289 -1.98 -8.54 1.77
CA MSE A 289 -1.01 -7.64 2.38
C MSE A 289 0.31 -8.39 2.52
O MSE A 289 0.33 -9.58 2.90
CB MSE A 289 -1.54 -7.17 3.74
CG MSE A 289 -2.80 -6.33 3.59
SE MSE A 289 -3.74 -6.07 5.25
CE MSE A 289 -3.67 -4.14 5.30
N GLY A 290 1.39 -7.71 2.20
CA GLY A 290 2.71 -8.32 2.26
C GLY A 290 3.25 -8.60 3.65
N LYS A 291 4.46 -9.14 3.69
CA LYS A 291 5.12 -9.47 4.95
C LYS A 291 5.28 -8.29 5.89
N VAL A 292 5.70 -7.15 5.34
CA VAL A 292 5.92 -5.97 6.17
C VAL A 292 4.62 -5.35 6.70
N ILE A 293 3.62 -5.18 5.84
CA ILE A 293 2.34 -4.63 6.29
C ILE A 293 1.70 -5.61 7.29
N THR A 294 1.75 -6.91 6.97
CA THR A 294 1.18 -7.93 7.85
C THR A 294 1.86 -7.96 9.22
N THR A 295 3.16 -7.68 9.24
CA THR A 295 3.92 -7.67 10.50
C THR A 295 3.37 -6.58 11.41
N HIS A 296 3.01 -5.44 10.82
CA HIS A 296 2.47 -4.33 11.59
C HIS A 296 0.99 -4.42 11.94
N VAL A 297 0.16 -4.85 10.99
CA VAL A 297 -1.28 -4.91 11.26
C VAL A 297 -1.74 -6.21 11.90
N GLY A 298 -1.03 -7.30 11.64
CA GLY A 298 -1.41 -8.58 12.21
C GLY A 298 -2.37 -9.38 11.34
N PRO A 299 -2.32 -10.71 11.40
CA PRO A 299 -3.23 -11.54 10.61
C PRO A 299 -4.69 -11.19 10.93
N GLY A 300 -5.57 -11.37 9.95
CA GLY A 300 -6.97 -11.06 10.17
C GLY A 300 -7.40 -9.69 9.69
N THR A 301 -6.43 -8.80 9.50
CA THR A 301 -6.71 -7.44 9.05
C THR A 301 -7.41 -7.39 7.69
N VAL A 302 -8.33 -6.44 7.55
CA VAL A 302 -9.10 -6.28 6.31
C VAL A 302 -9.30 -4.79 6.06
N GLY A 303 -9.27 -4.38 4.79
CA GLY A 303 -9.47 -2.98 4.48
C GLY A 303 -9.42 -2.74 2.98
N PHE A 304 -9.43 -1.47 2.58
CA PHE A 304 -9.33 -1.17 1.17
C PHE A 304 -8.66 0.15 0.84
N GLY A 305 -8.04 0.16 -0.33
CA GLY A 305 -7.40 1.36 -0.83
C GLY A 305 -8.54 1.86 -1.69
N ILE A 306 -8.88 3.13 -1.58
CA ILE A 306 -10.00 3.68 -2.35
C ILE A 306 -9.59 4.86 -3.22
N GLU A 307 -9.97 4.82 -4.49
CA GLU A 307 -9.72 5.94 -5.39
C GLU A 307 -11.09 6.52 -5.73
N VAL A 308 -11.29 7.79 -5.43
CA VAL A 308 -12.55 8.41 -5.75
C VAL A 308 -12.42 8.99 -7.15
N LEU A 309 -13.16 8.43 -8.10
CA LEU A 309 -13.12 8.93 -9.47
C LEU A 309 -14.00 10.15 -9.60
C1 PLM B . 9.85 0.22 7.91
O1 PLM B . 10.44 1.24 7.49
O2 PLM B . 10.37 -0.58 8.71
C2 PLM B . 8.42 -0.04 7.42
C3 PLM B . 7.34 0.44 8.39
C4 PLM B . 5.97 0.13 7.84
C5 PLM B . 4.86 0.60 8.77
C6 PLM B . 3.51 0.06 8.36
C7 PLM B . 2.42 0.50 9.32
C8 PLM B . 1.13 -0.23 9.04
C9 PLM B . 0.22 0.57 8.11
CA PLM B . -0.82 -0.32 7.47
CB PLM B . -1.78 0.48 6.62
CC PLM B . -2.81 -0.43 5.99
CD PLM B . -3.80 0.35 5.12
CE PLM B . -4.83 -0.60 4.48
CF PLM B . -5.82 0.14 3.58
CG PLM B . -5.33 0.21 2.13
#